data_7Q31
#
_entry.id   7Q31
#
_cell.length_a   150.100
_cell.length_b   150.100
_cell.length_c   50.060
_cell.angle_alpha   90.000
_cell.angle_beta   90.000
_cell.angle_gamma   120.000
#
_symmetry.space_group_name_H-M   'H 3'
#
loop_
_entity.id
_entity.type
_entity.pdbx_description
1 polymer 'Uridine phosphorylase'
2 non-polymer 'POTASSIUM ION'
3 non-polymer 'SULFATE ION'
4 non-polymer GLYCEROL
5 water water
#
_entity_poly.entity_id   1
_entity_poly.type   'polypeptide(L)'
_entity_poly.pdbx_seq_one_letter_code
;SDVFHLGLTKNDLQGATLAIVPGGPDRVEKIAALMDKPVKLASHREFTTWRAELDGKPVIVCSTGIGGPSTSIAVEELAQ
LGIRTFLRIGTTGAIQPHINVGDVLVTTASVRLDGASLHFAPLEFPAVADFECTTALVEAAKSIGATTHVGVTASSDTFY
PGQERYDTYSGRVVRHFKGSMEEWQAMGVMNYEMESATLLTMCASQGLRAGMVAGVIVNRTQQEIPNAETMKQTESHAVK
IVVEAARRLL
;
_entity_poly.pdbx_strand_id   AAA,BBB
#
loop_
_chem_comp.id
_chem_comp.type
_chem_comp.name
_chem_comp.formula
GOL non-polymer GLYCEROL 'C3 H8 O3'
K non-polymer 'POTASSIUM ION' 'K 1'
SO4 non-polymer 'SULFATE ION' 'O4 S -2'
#
# COMPACT_ATOMS: atom_id res chain seq x y z
N SER A 1 4.84 -17.92 -13.20
CA SER A 1 3.78 -16.92 -13.47
C SER A 1 4.27 -15.82 -14.44
N ASP A 2 3.33 -15.26 -15.19
CA ASP A 2 3.66 -14.31 -16.27
C ASP A 2 4.01 -12.90 -15.73
N VAL A 3 3.69 -12.65 -14.45
CA VAL A 3 3.91 -11.34 -13.82
C VAL A 3 4.66 -11.49 -12.49
N PHE A 4 5.12 -10.37 -11.91
CA PHE A 4 6.11 -10.43 -10.86
C PHE A 4 5.50 -10.67 -9.49
N HIS A 5 4.31 -10.13 -9.26
CA HIS A 5 3.74 -10.12 -7.90
C HIS A 5 2.44 -10.92 -7.81
N LEU A 6 1.57 -10.86 -8.83
CA LEU A 6 0.20 -11.34 -8.63
C LEU A 6 0.12 -12.87 -8.77
N GLY A 7 1.15 -13.47 -9.40
CA GLY A 7 1.20 -14.92 -9.50
C GLY A 7 0.19 -15.49 -10.51
N LEU A 8 0.06 -14.83 -11.67
CA LEU A 8 -1.04 -15.08 -12.58
C LEU A 8 -0.38 -15.35 -13.90
N THR A 9 -0.87 -16.35 -14.59
CA THR A 9 -0.40 -16.52 -15.95
C THR A 9 -1.55 -16.16 -16.87
N LYS A 10 -1.25 -15.53 -18.00
CA LYS A 10 -2.32 -14.96 -18.81
C LYS A 10 -3.43 -15.94 -19.23
N ASN A 11 -3.12 -17.18 -19.60
CA ASN A 11 -4.26 -17.99 -20.00
C ASN A 11 -5.21 -18.26 -18.84
N ASP A 12 -4.72 -18.10 -17.57
CA ASP A 12 -5.54 -18.19 -16.36
C ASP A 12 -6.79 -17.32 -16.55
N LEU A 13 -6.59 -16.19 -17.23
CA LEU A 13 -7.55 -15.10 -17.35
C LEU A 13 -8.61 -15.43 -18.42
N GLN A 14 -8.34 -16.39 -19.32
CA GLN A 14 -9.30 -16.88 -20.31
C GLN A 14 -9.74 -15.77 -21.29
N GLY A 15 -8.91 -14.76 -21.59
CA GLY A 15 -9.26 -13.69 -22.52
C GLY A 15 -9.95 -12.50 -21.83
N ALA A 16 -9.99 -12.47 -20.49
CA ALA A 16 -10.76 -11.40 -19.83
C ALA A 16 -10.11 -10.06 -20.20
N THR A 17 -10.90 -8.97 -20.23
CA THR A 17 -10.28 -7.67 -20.46
C THR A 17 -10.78 -6.65 -19.42
N LEU A 18 -11.69 -7.07 -18.51
CA LEU A 18 -12.19 -6.24 -17.41
C LEU A 18 -11.85 -6.87 -16.07
N ALA A 19 -11.37 -6.05 -15.12
CA ALA A 19 -11.12 -6.47 -13.74
C ALA A 19 -11.87 -5.55 -12.78
N ILE A 20 -12.43 -6.15 -11.76
CA ILE A 20 -12.90 -5.37 -10.62
C ILE A 20 -11.80 -5.44 -9.56
N VAL A 21 -11.46 -4.26 -9.00
CA VAL A 21 -10.33 -4.18 -8.08
C VAL A 21 -10.77 -3.45 -6.82
N PRO A 22 -11.31 -4.22 -5.84
CA PRO A 22 -11.49 -3.71 -4.49
C PRO A 22 -10.21 -3.83 -3.67
N GLY A 23 -10.26 -3.40 -2.41
CA GLY A 23 -9.08 -3.31 -1.60
C GLY A 23 -8.64 -4.66 -1.03
N GLY A 24 -9.60 -5.50 -0.57
CA GLY A 24 -9.15 -6.63 0.25
C GLY A 24 -9.77 -7.96 -0.20
N PRO A 25 -9.18 -9.11 0.19
CA PRO A 25 -9.60 -10.40 -0.40
C PRO A 25 -11.03 -10.74 0.03
N ASP A 26 -11.43 -10.34 1.26
CA ASP A 26 -12.77 -10.65 1.71
C ASP A 26 -13.78 -10.18 0.67
N ARG A 27 -13.63 -8.93 0.25
CA ARG A 27 -14.53 -8.36 -0.73
C ARG A 27 -14.32 -8.97 -2.10
N VAL A 28 -13.08 -9.39 -2.45
CA VAL A 28 -12.92 -10.12 -3.72
C VAL A 28 -13.91 -11.28 -3.71
N GLU A 29 -13.96 -12.01 -2.59
CA GLU A 29 -14.78 -13.21 -2.57
C GLU A 29 -16.26 -12.85 -2.70
N LYS A 30 -16.69 -11.73 -2.07
CA LYS A 30 -18.08 -11.30 -2.17
C LYS A 30 -18.49 -10.93 -3.58
N ILE A 31 -17.55 -10.34 -4.36
CA ILE A 31 -17.88 -9.82 -5.68
C ILE A 31 -17.94 -11.04 -6.63
N ALA A 32 -16.94 -11.95 -6.52
CA ALA A 32 -16.92 -13.19 -7.32
C ALA A 32 -18.24 -13.97 -7.15
N ALA A 33 -18.87 -13.86 -5.97
CA ALA A 33 -20.03 -14.64 -5.57
C ALA A 33 -21.28 -14.18 -6.30
N LEU A 34 -21.24 -13.03 -6.99
CA LEU A 34 -22.39 -12.52 -7.69
C LEU A 34 -22.29 -12.89 -9.17
N MET A 35 -21.25 -13.65 -9.54
CA MET A 35 -21.12 -14.03 -10.93
C MET A 35 -21.07 -15.56 -10.99
N ASP A 36 -20.91 -16.11 -12.22
CA ASP A 36 -20.89 -17.56 -12.48
C ASP A 36 -19.51 -18.17 -12.35
N LYS A 37 -19.46 -19.44 -11.92
CA LYS A 37 -18.21 -20.19 -11.90
C LYS A 37 -17.12 -19.37 -11.21
N PRO A 38 -17.26 -18.87 -9.96
CA PRO A 38 -16.10 -18.25 -9.31
C PRO A 38 -15.02 -19.24 -8.93
N VAL A 39 -13.76 -18.92 -9.29
CA VAL A 39 -12.65 -19.80 -8.93
C VAL A 39 -11.49 -18.95 -8.38
N LYS A 40 -10.89 -19.30 -7.23
CA LYS A 40 -9.76 -18.51 -6.74
C LYS A 40 -8.52 -18.90 -7.57
N LEU A 41 -7.82 -17.87 -8.11
CA LEU A 41 -6.64 -18.07 -8.97
C LEU A 41 -5.35 -18.01 -8.15
N ALA A 42 -5.21 -17.02 -7.27
CA ALA A 42 -3.91 -16.83 -6.62
C ALA A 42 -4.04 -15.93 -5.41
N SER A 43 -3.08 -16.09 -4.48
CA SER A 43 -3.01 -15.22 -3.32
C SER A 43 -1.54 -15.05 -2.92
N HIS A 44 -1.05 -13.81 -3.04
CA HIS A 44 0.36 -13.54 -2.80
C HIS A 44 0.41 -12.16 -2.18
N ARG A 45 0.93 -12.01 -0.96
CA ARG A 45 0.94 -10.68 -0.31
C ARG A 45 -0.48 -10.10 -0.34
N GLU A 46 -0.69 -8.76 -0.58
CA GLU A 46 -2.06 -8.24 -0.48
C GLU A 46 -2.89 -8.51 -1.73
N PHE A 47 -2.35 -9.24 -2.73
CA PHE A 47 -3.07 -9.45 -3.97
C PHE A 47 -3.72 -10.86 -4.04
N THR A 48 -5.04 -10.91 -3.91
CA THR A 48 -5.84 -12.14 -4.03
C THR A 48 -6.65 -12.02 -5.31
N THR A 49 -6.55 -12.98 -6.24
CA THR A 49 -7.22 -12.88 -7.53
C THR A 49 -8.17 -14.07 -7.70
N TRP A 50 -9.42 -13.78 -8.07
CA TRP A 50 -10.44 -14.74 -8.49
C TRP A 50 -10.80 -14.45 -9.94
N ARG A 51 -11.45 -15.45 -10.54
CA ARG A 51 -11.97 -15.28 -11.89
C ARG A 51 -13.41 -15.75 -11.76
N ALA A 52 -14.27 -15.17 -12.58
CA ALA A 52 -15.66 -15.59 -12.62
C ALA A 52 -16.13 -15.23 -14.02
N GLU A 53 -17.44 -15.40 -14.30
CA GLU A 53 -17.96 -15.21 -15.63
C GLU A 53 -19.27 -14.41 -15.51
N LEU A 54 -19.49 -13.53 -16.47
CA LEU A 54 -20.62 -12.62 -16.36
C LEU A 54 -21.20 -12.52 -17.75
N ASP A 55 -22.47 -12.97 -17.89
CA ASP A 55 -23.07 -13.09 -19.22
C ASP A 55 -22.12 -13.81 -20.16
N GLY A 56 -21.49 -14.89 -19.68
CA GLY A 56 -20.66 -15.67 -20.58
C GLY A 56 -19.27 -15.10 -20.87
N LYS A 57 -18.93 -13.91 -20.35
CA LYS A 57 -17.56 -13.43 -20.54
C LYS A 57 -16.73 -13.51 -19.25
N PRO A 58 -15.45 -13.90 -19.33
CA PRO A 58 -14.62 -13.94 -18.12
C PRO A 58 -14.35 -12.53 -17.52
N VAL A 59 -14.38 -12.40 -16.18
CA VAL A 59 -14.11 -11.15 -15.46
C VAL A 59 -13.07 -11.47 -14.37
N ILE A 60 -12.09 -10.60 -14.11
CA ILE A 60 -11.17 -10.88 -13.02
C ILE A 60 -11.50 -9.95 -11.85
N VAL A 61 -11.31 -10.44 -10.62
CA VAL A 61 -11.45 -9.67 -9.40
C VAL A 61 -10.14 -9.84 -8.65
N CYS A 62 -9.53 -8.70 -8.27
CA CYS A 62 -8.19 -8.76 -7.69
C CYS A 62 -8.05 -7.67 -6.66
N SER A 63 -7.62 -8.03 -5.45
CA SER A 63 -7.48 -7.06 -4.40
C SER A 63 -6.25 -6.18 -4.64
N THR A 64 -6.35 -4.91 -4.24
CA THR A 64 -5.27 -3.96 -4.45
C THR A 64 -4.40 -3.77 -3.23
N GLY A 65 -4.91 -4.15 -2.06
CA GLY A 65 -4.28 -3.70 -0.87
C GLY A 65 -4.64 -2.24 -0.57
N ILE A 66 -4.26 -1.76 0.61
CA ILE A 66 -4.42 -0.31 0.90
C ILE A 66 -3.34 0.55 0.24
N GLY A 67 -3.75 1.57 -0.53
CA GLY A 67 -2.91 2.72 -0.94
C GLY A 67 -2.48 2.61 -2.39
N GLY A 68 -2.23 3.78 -2.98
CA GLY A 68 -1.80 3.75 -4.38
C GLY A 68 -0.62 2.85 -4.74
N PRO A 69 0.43 2.66 -3.91
CA PRO A 69 1.58 1.85 -4.37
C PRO A 69 1.14 0.42 -4.71
N SER A 70 0.41 -0.25 -3.79
CA SER A 70 0.06 -1.64 -4.12
C SER A 70 -0.99 -1.65 -5.25
N THR A 71 -1.83 -0.61 -5.27
CA THR A 71 -2.85 -0.44 -6.31
C THR A 71 -2.14 -0.35 -7.65
N SER A 72 -1.04 0.37 -7.69
CA SER A 72 -0.30 0.60 -8.94
C SER A 72 0.33 -0.70 -9.46
N ILE A 73 0.78 -1.57 -8.56
CA ILE A 73 1.33 -2.88 -8.98
C ILE A 73 0.21 -3.73 -9.53
N ALA A 74 -0.89 -3.86 -8.81
CA ALA A 74 -2.01 -4.69 -9.31
C ALA A 74 -2.51 -4.25 -10.70
N VAL A 75 -2.74 -2.94 -10.89
CA VAL A 75 -3.32 -2.47 -12.15
C VAL A 75 -2.28 -2.70 -13.24
N GLU A 76 -1.01 -2.45 -12.90
CA GLU A 76 0.04 -2.59 -13.91
C GLU A 76 0.14 -4.02 -14.36
N GLU A 77 0.13 -4.96 -13.41
CA GLU A 77 0.32 -6.36 -13.81
C GLU A 77 -0.92 -6.95 -14.49
N LEU A 78 -2.13 -6.49 -14.17
CA LEU A 78 -3.35 -6.94 -14.83
C LEU A 78 -3.35 -6.41 -16.25
N ALA A 79 -2.82 -5.17 -16.40
CA ALA A 79 -2.74 -4.61 -17.72
C ALA A 79 -1.73 -5.42 -18.57
N GLN A 80 -0.63 -5.87 -17.95
CA GLN A 80 0.37 -6.67 -18.66
C GLN A 80 -0.28 -8.00 -19.09
N LEU A 81 -1.36 -8.38 -18.41
CA LEU A 81 -2.04 -9.66 -18.69
C LEU A 81 -3.26 -9.41 -19.57
N GLY A 82 -3.47 -8.18 -19.97
CA GLY A 82 -4.43 -7.79 -20.99
C GLY A 82 -5.68 -7.09 -20.48
N ILE A 83 -5.81 -6.89 -19.18
CA ILE A 83 -6.95 -6.13 -18.69
C ILE A 83 -6.89 -4.67 -19.21
N ARG A 84 -8.02 -4.12 -19.68
CA ARG A 84 -8.07 -2.78 -20.27
C ARG A 84 -9.09 -1.87 -19.56
N THR A 85 -9.97 -2.47 -18.76
CA THR A 85 -11.01 -1.76 -18.02
C THR A 85 -10.92 -2.15 -16.57
N PHE A 86 -10.97 -1.14 -15.68
CA PHE A 86 -10.83 -1.46 -14.27
C PHE A 86 -11.96 -0.80 -13.49
N LEU A 87 -12.63 -1.52 -12.59
CA LEU A 87 -13.64 -0.79 -11.83
C LEU A 87 -13.34 -1.00 -10.37
N ARG A 88 -13.26 0.09 -9.57
CA ARG A 88 -13.04 -0.10 -8.15
C ARG A 88 -14.34 0.15 -7.38
N ILE A 89 -14.53 -0.66 -6.33
CA ILE A 89 -15.59 -0.43 -5.38
C ILE A 89 -14.90 -0.29 -4.06
N GLY A 90 -15.36 0.68 -3.25
CA GLY A 90 -14.98 0.61 -1.87
C GLY A 90 -16.04 1.19 -0.93
N THR A 91 -15.59 1.45 0.30
CA THR A 91 -16.42 2.05 1.35
C THR A 91 -15.69 3.30 1.78
N THR A 92 -16.43 4.26 2.38
CA THR A 92 -15.83 5.58 2.49
C THR A 92 -16.56 6.37 3.57
N GLY A 93 -15.80 7.28 4.17
CA GLY A 93 -16.38 8.34 4.99
C GLY A 93 -16.66 9.60 4.15
N ALA A 94 -17.92 10.03 4.14
CA ALA A 94 -18.27 11.26 3.46
C ALA A 94 -17.96 12.47 4.35
N ILE A 95 -17.82 13.61 3.72
CA ILE A 95 -17.48 14.83 4.47
C ILE A 95 -18.45 15.98 4.15
N GLN A 96 -19.62 15.64 3.60
CA GLN A 96 -20.65 16.60 3.26
C GLN A 96 -21.87 16.23 4.11
N PRO A 97 -22.59 17.22 4.69
CA PRO A 97 -23.73 16.93 5.54
C PRO A 97 -24.96 16.40 4.78
N HIS A 98 -25.08 16.64 3.46
CA HIS A 98 -26.24 16.17 2.69
C HIS A 98 -26.08 14.70 2.25
N ILE A 99 -24.91 14.08 2.49
CA ILE A 99 -24.71 12.70 2.06
C ILE A 99 -25.02 11.82 3.24
N ASN A 100 -25.85 10.77 3.13
CA ASN A 100 -26.12 9.97 4.30
C ASN A 100 -25.41 8.62 4.20
N VAL A 101 -25.22 8.02 5.37
CA VAL A 101 -24.79 6.64 5.46
C VAL A 101 -25.77 5.75 4.66
N GLY A 102 -25.23 4.93 3.73
CA GLY A 102 -25.96 4.03 2.87
C GLY A 102 -26.15 4.61 1.47
N ASP A 103 -25.81 5.90 1.28
CA ASP A 103 -25.83 6.45 -0.06
C ASP A 103 -24.68 5.83 -0.87
N VAL A 104 -24.66 6.04 -2.19
CA VAL A 104 -23.56 5.50 -2.95
C VAL A 104 -22.86 6.67 -3.65
N LEU A 105 -21.50 6.69 -3.76
CA LEU A 105 -20.85 7.80 -4.42
C LEU A 105 -20.15 7.31 -5.70
N VAL A 106 -20.38 8.07 -6.82
CA VAL A 106 -19.67 7.74 -8.03
C VAL A 106 -18.69 8.87 -8.27
N THR A 107 -17.41 8.53 -8.48
CA THR A 107 -16.34 9.54 -8.47
C THR A 107 -16.02 9.92 -9.91
N THR A 108 -16.22 11.21 -10.22
CA THR A 108 -15.87 11.66 -11.58
C THR A 108 -14.36 11.90 -11.72
N ALA A 109 -13.75 12.37 -10.63
CA ALA A 109 -12.32 12.68 -10.62
C ALA A 109 -11.92 12.90 -9.17
N SER A 110 -10.60 12.85 -8.88
CA SER A 110 -10.15 12.82 -7.50
C SER A 110 -9.12 13.96 -7.31
N VAL A 111 -9.15 14.54 -6.11
CA VAL A 111 -8.04 15.37 -5.62
C VAL A 111 -6.83 14.50 -5.31
N ARG A 112 -5.69 14.80 -5.97
CA ARG A 112 -4.49 13.99 -5.86
C ARG A 112 -3.66 14.30 -4.62
N LEU A 113 -3.99 13.63 -3.51
CA LEU A 113 -3.25 13.75 -2.27
C LEU A 113 -2.44 12.47 -2.05
N ASP A 114 -1.98 11.87 -3.14
CA ASP A 114 -1.22 10.64 -3.13
C ASP A 114 0.13 10.96 -3.79
N GLY A 115 1.00 9.96 -3.79
CA GLY A 115 2.34 10.03 -4.36
C GLY A 115 2.42 9.26 -5.68
N ALA A 116 1.71 8.13 -5.80
CA ALA A 116 1.91 7.31 -6.99
C ALA A 116 1.42 7.97 -8.30
N SER A 117 0.31 8.68 -8.27
CA SER A 117 -0.22 9.37 -9.46
C SER A 117 0.86 10.16 -10.16
N LEU A 118 1.78 10.78 -9.37
CA LEU A 118 2.83 11.60 -9.96
C LEU A 118 3.84 10.76 -10.76
N HIS A 119 3.90 9.44 -10.48
CA HIS A 119 4.80 8.61 -11.25
C HIS A 119 4.24 8.32 -12.65
N PHE A 120 2.95 8.69 -12.94
CA PHE A 120 2.27 8.52 -14.21
C PHE A 120 2.08 9.85 -14.93
N ALA A 121 1.77 10.95 -14.21
CA ALA A 121 1.52 12.21 -14.88
C ALA A 121 1.76 13.32 -13.87
N PRO A 122 2.20 14.52 -14.31
CA PRO A 122 2.45 15.63 -13.40
C PRO A 122 1.11 16.03 -12.77
N LEU A 123 1.16 16.79 -11.67
CA LEU A 123 0.00 17.05 -10.84
C LEU A 123 -1.12 17.78 -11.59
N GLU A 124 -0.75 18.63 -12.59
CA GLU A 124 -1.76 19.36 -13.34
C GLU A 124 -2.70 18.41 -14.10
N PHE A 125 -2.28 17.17 -14.38
CA PHE A 125 -3.17 16.27 -15.12
C PHE A 125 -4.33 15.84 -14.21
N PRO A 126 -5.58 15.73 -14.71
CA PRO A 126 -6.71 15.42 -13.83
C PRO A 126 -6.78 13.93 -13.50
N ALA A 127 -7.00 13.58 -12.21
CA ALA A 127 -7.25 12.15 -11.93
C ALA A 127 -8.71 11.84 -12.26
N VAL A 128 -9.01 11.75 -13.56
CA VAL A 128 -10.41 11.69 -14.00
C VAL A 128 -10.78 10.26 -14.35
N ALA A 129 -12.05 9.88 -14.04
CA ALA A 129 -12.59 8.55 -14.46
C ALA A 129 -12.98 8.54 -15.93
N ASP A 130 -13.04 7.32 -16.53
CA ASP A 130 -13.49 7.17 -17.90
C ASP A 130 -15.02 7.39 -17.92
N PHE A 131 -15.50 8.08 -18.97
CA PHE A 131 -16.92 8.45 -19.09
C PHE A 131 -17.85 7.22 -19.20
N GLU A 132 -17.49 6.23 -20.01
CA GLU A 132 -18.28 5.00 -20.08
C GLU A 132 -18.36 4.35 -18.70
N CYS A 133 -17.25 4.29 -17.92
CA CYS A 133 -17.27 3.51 -16.71
C CYS A 133 -18.19 4.20 -15.72
N THR A 134 -18.03 5.53 -15.69
CA THR A 134 -18.78 6.37 -14.77
C THR A 134 -20.27 6.20 -15.08
N THR A 135 -20.61 6.23 -16.37
CA THR A 135 -21.98 6.05 -16.84
C THR A 135 -22.56 4.72 -16.36
N ALA A 136 -21.84 3.62 -16.61
CA ALA A 136 -22.28 2.30 -16.23
C ALA A 136 -22.49 2.29 -14.74
N LEU A 137 -21.61 2.98 -13.96
CA LEU A 137 -21.80 2.91 -12.50
C LEU A 137 -23.03 3.71 -12.06
N VAL A 138 -23.27 4.87 -12.67
CA VAL A 138 -24.44 5.69 -12.30
C VAL A 138 -25.74 4.94 -12.68
N GLU A 139 -25.76 4.35 -13.88
CA GLU A 139 -26.90 3.54 -14.35
C GLU A 139 -27.08 2.32 -13.46
N ALA A 140 -25.99 1.68 -13.07
CA ALA A 140 -26.14 0.48 -12.26
C ALA A 140 -26.77 0.87 -10.93
N ALA A 141 -26.34 2.01 -10.36
CA ALA A 141 -26.82 2.43 -9.04
C ALA A 141 -28.33 2.65 -9.13
N LYS A 142 -28.78 3.29 -10.21
CA LYS A 142 -30.18 3.57 -10.40
C LYS A 142 -30.97 2.28 -10.61
N SER A 143 -30.34 1.20 -11.07
CA SER A 143 -31.04 -0.06 -11.35
C SER A 143 -31.46 -0.80 -10.07
N ILE A 144 -30.88 -0.41 -8.92
CA ILE A 144 -31.27 -0.96 -7.64
C ILE A 144 -31.77 0.14 -6.74
N GLY A 145 -32.11 1.31 -7.31
CA GLY A 145 -32.72 2.37 -6.51
C GLY A 145 -31.81 3.00 -5.44
N ALA A 146 -30.49 2.97 -5.64
CA ALA A 146 -29.56 3.60 -4.69
C ALA A 146 -29.68 5.12 -4.67
N THR A 147 -29.53 5.76 -3.48
CA THR A 147 -29.33 7.20 -3.42
C THR A 147 -27.87 7.53 -3.79
N THR A 148 -27.69 8.23 -4.90
CA THR A 148 -26.36 8.36 -5.50
C THR A 148 -25.95 9.84 -5.52
N HIS A 149 -24.64 10.10 -5.30
CA HIS A 149 -24.03 11.39 -5.50
C HIS A 149 -22.86 11.21 -6.48
N VAL A 150 -22.73 12.12 -7.45
CA VAL A 150 -21.71 11.99 -8.50
C VAL A 150 -20.78 13.21 -8.35
N GLY A 151 -19.46 12.99 -8.24
CA GLY A 151 -18.63 14.15 -7.94
C GLY A 151 -17.18 13.80 -7.58
N VAL A 152 -16.55 14.79 -6.96
CA VAL A 152 -15.11 14.69 -6.69
C VAL A 152 -14.84 14.04 -5.33
N THR A 153 -13.76 13.27 -5.29
CA THR A 153 -13.34 12.56 -4.07
C THR A 153 -11.89 12.96 -3.75
N ALA A 154 -11.56 13.04 -2.48
CA ALA A 154 -10.17 13.38 -2.12
C ALA A 154 -9.46 12.08 -1.76
N SER A 155 -8.31 11.84 -2.43
CA SER A 155 -7.62 10.56 -2.44
C SER A 155 -6.29 10.75 -1.75
N SER A 156 -6.17 10.31 -0.46
CA SER A 156 -5.03 10.53 0.44
C SER A 156 -4.13 9.27 0.60
N ASP A 157 -2.82 9.49 0.61
CA ASP A 157 -1.87 8.42 0.91
C ASP A 157 -1.89 8.04 2.37
N THR A 158 -2.62 8.78 3.22
CA THR A 158 -2.71 8.36 4.60
C THR A 158 -4.18 8.26 5.03
N PHE A 159 -4.40 7.42 6.04
CA PHE A 159 -5.71 7.26 6.63
C PHE A 159 -5.86 8.36 7.68
N TYR A 160 -4.73 8.76 8.32
CA TYR A 160 -4.83 9.58 9.52
C TYR A 160 -4.58 11.07 9.20
N PRO A 161 -3.33 11.61 9.19
CA PRO A 161 -3.22 13.05 8.99
C PRO A 161 -3.73 13.59 7.67
N GLY A 162 -3.59 12.85 6.55
CA GLY A 162 -4.07 13.27 5.25
C GLY A 162 -5.58 13.41 5.15
N GLN A 163 -6.31 12.76 6.07
CA GLN A 163 -7.77 12.87 6.18
C GLN A 163 -8.10 13.76 7.38
N GLU A 164 -7.07 14.44 7.90
CA GLU A 164 -7.19 15.36 9.03
C GLU A 164 -7.86 14.70 10.25
N ARG A 165 -7.37 13.51 10.61
CA ARG A 165 -7.77 12.88 11.86
C ARG A 165 -6.76 13.24 12.94
N TYR A 166 -7.27 13.57 14.16
CA TYR A 166 -6.47 13.99 15.30
C TYR A 166 -6.42 12.92 16.43
N ASP A 167 -7.20 11.84 16.26
CA ASP A 167 -7.32 10.79 17.27
C ASP A 167 -6.16 9.82 17.10
N THR A 168 -4.95 10.33 17.24
CA THR A 168 -3.74 9.61 16.84
C THR A 168 -2.74 9.62 17.96
N TYR A 169 -1.67 8.87 17.72
CA TYR A 169 -0.51 8.85 18.61
C TYR A 169 0.04 10.27 18.83
N SER A 170 0.15 11.13 17.75
CA SER A 170 0.73 12.46 17.98
C SER A 170 -0.33 13.49 18.36
N GLY A 171 -1.57 13.23 17.95
CA GLY A 171 -2.72 14.13 18.03
C GLY A 171 -2.50 15.47 17.30
N ARG A 172 -1.60 15.51 16.29
CA ARG A 172 -1.47 16.74 15.53
C ARG A 172 -1.39 16.43 14.05
N VAL A 173 -1.54 17.49 13.21
CA VAL A 173 -1.50 17.35 11.76
C VAL A 173 -0.54 18.39 11.21
N VAL A 174 0.32 18.00 10.26
CA VAL A 174 1.33 18.87 9.73
C VAL A 174 0.61 20.03 9.01
N ARG A 175 1.30 21.17 8.96
CA ARG A 175 0.70 22.46 8.59
C ARG A 175 -0.01 22.39 7.24
N HIS A 176 0.61 21.80 6.20
CA HIS A 176 0.03 21.68 4.86
C HIS A 176 -1.34 20.98 4.89
N PHE A 177 -1.57 20.04 5.84
CA PHE A 177 -2.86 19.34 5.92
C PHE A 177 -3.76 19.87 7.03
N LYS A 178 -3.21 20.80 7.81
CA LYS A 178 -4.09 21.32 8.87
C LYS A 178 -5.04 22.31 8.22
N GLY A 179 -6.34 22.16 8.47
CA GLY A 179 -7.39 22.94 7.81
C GLY A 179 -7.73 22.49 6.38
N SER A 180 -7.12 21.38 5.91
CA SER A 180 -7.37 20.94 4.54
C SER A 180 -8.82 20.44 4.40
N MET A 181 -9.31 19.78 5.42
CA MET A 181 -10.64 19.16 5.32
C MET A 181 -11.73 20.18 5.01
N GLU A 182 -11.68 21.32 5.73
CA GLU A 182 -12.65 22.36 5.50
C GLU A 182 -12.52 23.03 4.14
N GLU A 183 -11.28 23.10 3.58
CA GLU A 183 -11.15 23.54 2.20
C GLU A 183 -11.85 22.54 1.26
N TRP A 184 -11.59 21.24 1.42
CA TRP A 184 -12.21 20.28 0.51
C TRP A 184 -13.73 20.32 0.67
N GLN A 185 -14.22 20.49 1.91
CA GLN A 185 -15.68 20.59 2.04
C GLN A 185 -16.26 21.78 1.28
N ALA A 186 -15.55 22.94 1.35
CA ALA A 186 -16.09 24.15 0.74
C ALA A 186 -16.13 23.97 -0.77
N MET A 187 -15.22 23.12 -1.27
CA MET A 187 -15.06 23.01 -2.71
C MET A 187 -15.93 21.86 -3.20
N GLY A 188 -16.75 21.32 -2.27
CA GLY A 188 -17.72 20.31 -2.64
C GLY A 188 -17.18 18.88 -2.77
N VAL A 189 -15.97 18.57 -2.25
CA VAL A 189 -15.49 17.22 -2.28
C VAL A 189 -16.38 16.30 -1.44
N MET A 190 -16.68 15.08 -1.97
CA MET A 190 -17.71 14.27 -1.32
C MET A 190 -17.18 13.54 -0.10
N ASN A 191 -15.95 12.99 -0.19
CA ASN A 191 -15.50 11.96 0.73
C ASN A 191 -13.97 11.83 0.61
N TYR A 192 -13.34 11.15 1.59
CA TYR A 192 -11.94 10.69 1.48
C TYR A 192 -11.85 9.19 1.18
N GLU A 193 -10.96 8.79 0.27
CA GLU A 193 -10.47 7.41 0.31
C GLU A 193 -8.99 7.39 -0.04
N MET A 194 -8.41 6.21 -0.39
CA MET A 194 -6.93 6.18 -0.41
C MET A 194 -6.27 5.67 -1.69
N GLU A 195 -7.06 5.28 -2.67
CA GLU A 195 -6.52 4.61 -3.85
C GLU A 195 -6.97 5.24 -5.18
N SER A 196 -8.04 5.99 -5.17
CA SER A 196 -8.58 6.46 -6.47
C SER A 196 -7.71 7.40 -7.30
N ALA A 197 -7.00 8.32 -6.64
CA ALA A 197 -6.17 9.24 -7.43
C ALA A 197 -5.08 8.47 -8.19
N THR A 198 -4.55 7.41 -7.56
CA THR A 198 -3.56 6.58 -8.24
C THR A 198 -4.23 5.78 -9.37
N LEU A 199 -5.35 5.08 -9.02
CA LEU A 199 -6.12 4.29 -10.00
C LEU A 199 -6.51 5.17 -11.20
N LEU A 200 -7.17 6.32 -10.96
CA LEU A 200 -7.75 7.05 -12.10
C LEU A 200 -6.64 7.67 -12.95
N THR A 201 -5.58 8.13 -12.26
CA THR A 201 -4.57 8.85 -13.03
C THR A 201 -3.80 7.86 -13.91
N MET A 202 -3.39 6.74 -13.31
CA MET A 202 -2.59 5.80 -14.10
C MET A 202 -3.43 5.20 -15.22
N CYS A 203 -4.78 5.13 -15.09
CA CYS A 203 -5.51 4.56 -16.21
C CYS A 203 -5.76 5.62 -17.28
N ALA A 204 -6.11 6.84 -16.83
CA ALA A 204 -6.45 7.89 -17.78
C ALA A 204 -5.23 8.34 -18.58
N SER A 205 -3.99 8.07 -18.08
CA SER A 205 -2.77 8.55 -18.70
C SER A 205 -2.16 7.46 -19.57
N GLN A 206 -2.78 6.29 -19.56
CA GLN A 206 -2.18 5.16 -20.25
C GLN A 206 -3.18 4.43 -21.13
N GLY A 207 -4.30 5.09 -21.53
CA GLY A 207 -5.30 4.49 -22.41
C GLY A 207 -6.04 3.30 -21.75
N LEU A 208 -6.21 3.29 -20.42
CA LEU A 208 -7.02 2.25 -19.79
C LEU A 208 -8.29 2.97 -19.29
N ARG A 209 -9.41 2.21 -19.20
CA ARG A 209 -10.67 2.80 -18.72
C ARG A 209 -10.81 2.43 -17.25
N ALA A 210 -11.13 3.42 -16.39
CA ALA A 210 -11.37 3.09 -14.98
C ALA A 210 -12.59 3.88 -14.47
N GLY A 211 -13.25 3.27 -13.45
CA GLY A 211 -14.30 4.00 -12.74
C GLY A 211 -14.31 3.60 -11.29
N MET A 212 -15.04 4.36 -10.48
CA MET A 212 -14.83 4.17 -9.08
C MET A 212 -16.18 4.44 -8.41
N VAL A 213 -16.62 3.53 -7.53
CA VAL A 213 -17.88 3.68 -6.82
C VAL A 213 -17.63 3.31 -5.36
N ALA A 214 -18.43 3.87 -4.46
CA ALA A 214 -18.21 3.55 -3.05
C ALA A 214 -19.51 3.68 -2.28
N GLY A 215 -19.65 2.86 -1.23
CA GLY A 215 -20.80 3.00 -0.35
C GLY A 215 -20.35 3.81 0.85
N VAL A 216 -21.24 4.69 1.39
CA VAL A 216 -20.90 5.51 2.53
C VAL A 216 -21.25 4.74 3.80
N ILE A 217 -20.23 4.51 4.64
CA ILE A 217 -20.30 3.79 5.91
C ILE A 217 -20.25 4.81 7.08
N VAL A 218 -19.69 6.02 6.88
CA VAL A 218 -19.54 7.03 7.92
C VAL A 218 -19.75 8.41 7.33
N ASN A 219 -20.30 9.34 8.15
CA ASN A 219 -20.37 10.72 7.75
C ASN A 219 -19.58 11.52 8.79
N ARG A 220 -18.44 12.08 8.34
CA ARG A 220 -17.50 12.69 9.25
C ARG A 220 -18.15 13.94 9.85
N THR A 221 -19.16 14.55 9.21
CA THR A 221 -19.61 15.87 9.64
C THR A 221 -20.60 15.75 10.79
N GLN A 222 -21.05 14.54 11.08
CA GLN A 222 -22.02 14.39 12.15
C GLN A 222 -21.64 13.16 12.96
N GLN A 223 -21.42 13.35 14.28
CA GLN A 223 -21.09 12.22 15.15
C GLN A 223 -22.26 11.24 15.10
N GLU A 224 -21.95 9.94 15.19
CA GLU A 224 -23.02 8.96 15.05
C GLU A 224 -22.36 7.62 15.31
N ILE A 225 -23.05 6.82 16.13
CA ILE A 225 -22.48 5.52 16.52
C ILE A 225 -22.60 4.61 15.31
N PRO A 226 -21.51 4.05 14.76
CA PRO A 226 -21.64 3.26 13.52
C PRO A 226 -22.59 2.07 13.78
N ASN A 227 -23.42 1.82 12.79
CA ASN A 227 -24.32 0.67 12.79
C ASN A 227 -23.78 -0.37 11.82
N ALA A 228 -23.18 -1.46 12.40
CA ALA A 228 -22.51 -2.55 11.67
C ALA A 228 -23.43 -3.14 10.61
N GLU A 229 -24.74 -3.20 10.90
CA GLU A 229 -25.74 -3.79 10.03
C GLU A 229 -25.98 -2.90 8.80
N THR A 230 -26.15 -1.58 8.98
CA THR A 230 -26.21 -0.64 7.86
C THR A 230 -24.93 -0.81 7.01
N MET A 231 -23.77 -0.96 7.66
CA MET A 231 -22.51 -1.02 6.90
C MET A 231 -22.50 -2.23 5.97
N LYS A 232 -22.92 -3.38 6.49
CA LYS A 232 -22.90 -4.63 5.72
C LYS A 232 -23.87 -4.57 4.54
N GLN A 233 -25.05 -3.94 4.77
CA GLN A 233 -25.99 -3.78 3.68
C GLN A 233 -25.42 -2.86 2.63
N THR A 234 -24.83 -1.73 3.08
CA THR A 234 -24.24 -0.76 2.16
C THR A 234 -23.18 -1.44 1.30
N GLU A 235 -22.35 -2.25 1.95
CA GLU A 235 -21.29 -2.94 1.20
C GLU A 235 -21.90 -3.83 0.13
N SER A 236 -22.90 -4.64 0.53
CA SER A 236 -23.56 -5.56 -0.40
C SER A 236 -24.18 -4.82 -1.57
N HIS A 237 -24.76 -3.65 -1.29
CA HIS A 237 -25.33 -2.83 -2.37
C HIS A 237 -24.26 -2.34 -3.34
N ALA A 238 -23.11 -1.87 -2.81
CA ALA A 238 -22.05 -1.31 -3.64
C ALA A 238 -21.39 -2.39 -4.52
N VAL A 239 -21.32 -3.61 -3.98
CA VAL A 239 -20.81 -4.77 -4.74
C VAL A 239 -21.72 -5.12 -5.93
N LYS A 240 -23.04 -5.22 -5.67
CA LYS A 240 -23.98 -5.43 -6.77
C LYS A 240 -23.85 -4.36 -7.88
N ILE A 241 -23.71 -3.09 -7.47
CA ILE A 241 -23.58 -2.00 -8.42
C ILE A 241 -22.31 -2.17 -9.25
N VAL A 242 -21.23 -2.65 -8.63
CA VAL A 242 -20.01 -2.65 -9.43
C VAL A 242 -20.12 -3.77 -10.47
N VAL A 243 -20.68 -4.90 -10.02
CA VAL A 243 -20.90 -6.03 -10.90
C VAL A 243 -21.84 -5.65 -12.05
N GLU A 244 -22.91 -4.93 -11.70
CA GLU A 244 -23.93 -4.61 -12.70
C GLU A 244 -23.34 -3.62 -13.70
N ALA A 245 -22.46 -2.73 -13.21
CA ALA A 245 -21.80 -1.84 -14.16
C ALA A 245 -20.89 -2.63 -15.08
N ALA A 246 -20.11 -3.58 -14.53
CA ALA A 246 -19.27 -4.41 -15.39
C ALA A 246 -20.11 -5.06 -16.50
N ARG A 247 -21.31 -5.53 -16.12
CA ARG A 247 -22.21 -6.17 -17.10
C ARG A 247 -22.46 -5.23 -18.28
N ARG A 248 -22.63 -3.93 -17.96
CA ARG A 248 -22.92 -2.95 -18.99
C ARG A 248 -21.67 -2.55 -19.77
N LEU A 249 -20.48 -3.01 -19.34
CA LEU A 249 -19.29 -2.55 -20.03
C LEU A 249 -18.71 -3.64 -20.90
N LEU A 250 -19.12 -4.88 -20.65
CA LEU A 250 -18.56 -6.03 -21.32
C LEU A 250 -18.99 -5.97 -22.78
N SER B 1 -11.03 -4.92 19.61
CA SER B 1 -9.63 -4.50 19.22
C SER B 1 -9.44 -3.06 19.70
N ASP B 2 -8.20 -2.69 20.05
CA ASP B 2 -7.93 -1.34 20.56
C ASP B 2 -7.56 -0.39 19.41
N VAL B 3 -7.38 -0.92 18.22
CA VAL B 3 -7.06 -0.08 17.07
C VAL B 3 -8.01 -0.37 15.90
N PHE B 4 -8.00 0.55 14.93
CA PHE B 4 -8.97 0.39 13.85
C PHE B 4 -8.64 -0.72 12.86
N HIS B 5 -7.36 -0.97 12.47
CA HIS B 5 -7.15 -1.92 11.39
C HIS B 5 -6.46 -3.21 11.83
N LEU B 6 -5.50 -3.10 12.77
CA LEU B 6 -4.56 -4.17 13.13
C LEU B 6 -5.20 -5.38 13.87
N GLY B 7 -6.37 -5.18 14.50
CA GLY B 7 -7.10 -6.23 15.26
C GLY B 7 -6.32 -6.69 16.48
N LEU B 8 -5.80 -5.70 17.24
CA LEU B 8 -4.84 -5.94 18.29
C LEU B 8 -5.34 -5.17 19.49
N THR B 9 -5.18 -5.74 20.68
CA THR B 9 -5.40 -4.95 21.88
C THR B 9 -4.04 -4.66 22.53
N LYS B 10 -4.02 -3.69 23.43
CA LYS B 10 -2.70 -3.42 24.00
C LYS B 10 -2.26 -4.63 24.84
N ASN B 11 -3.24 -5.24 25.49
CA ASN B 11 -3.06 -6.45 26.27
C ASN B 11 -2.29 -7.52 25.48
N ASP B 12 -2.68 -7.71 24.21
CA ASP B 12 -1.99 -8.64 23.31
C ASP B 12 -0.47 -8.45 23.33
N LEU B 13 0.00 -7.20 23.51
CA LEU B 13 1.41 -6.90 23.27
C LEU B 13 2.28 -7.24 24.49
N GLN B 14 1.64 -7.39 25.66
CA GLN B 14 2.28 -7.82 26.89
C GLN B 14 3.45 -6.87 27.16
N GLY B 15 3.23 -5.59 26.82
CA GLY B 15 4.18 -4.53 27.19
C GLY B 15 5.29 -4.31 26.14
N ALA B 16 5.13 -4.95 24.97
CA ALA B 16 6.18 -4.83 23.94
C ALA B 16 6.30 -3.37 23.54
N THR B 17 7.51 -2.87 23.21
CA THR B 17 7.72 -1.50 22.78
C THR B 17 8.63 -1.46 21.53
N LEU B 18 8.97 -2.65 21.01
CA LEU B 18 9.74 -2.78 19.77
C LEU B 18 9.00 -3.69 18.80
N ALA B 19 8.85 -3.23 17.54
CA ALA B 19 8.30 -3.98 16.46
C ALA B 19 9.35 -4.10 15.35
N ILE B 20 9.47 -5.31 14.81
CA ILE B 20 10.05 -5.58 13.47
C ILE B 20 8.95 -5.61 12.42
N VAL B 21 9.11 -4.74 11.38
CA VAL B 21 8.02 -4.54 10.44
C VAL B 21 8.52 -4.91 9.05
N PRO B 22 8.43 -6.20 8.63
CA PRO B 22 8.71 -6.57 7.24
C PRO B 22 7.50 -6.26 6.35
N GLY B 23 7.56 -6.59 5.05
CA GLY B 23 6.44 -6.24 4.17
C GLY B 23 5.29 -7.26 4.25
N GLY B 24 5.63 -8.57 4.23
CA GLY B 24 4.61 -9.62 4.00
C GLY B 24 4.50 -10.66 5.13
N PRO B 25 3.35 -11.36 5.29
CA PRO B 25 3.20 -12.28 6.41
C PRO B 25 4.22 -13.43 6.39
N ASP B 26 4.61 -13.91 5.21
CA ASP B 26 5.50 -15.07 5.16
C ASP B 26 6.80 -14.72 5.87
N ARG B 27 7.22 -13.47 5.68
CA ARG B 27 8.40 -12.96 6.34
C ARG B 27 8.11 -12.73 7.83
N VAL B 28 6.86 -12.36 8.21
CA VAL B 28 6.49 -12.17 9.62
C VAL B 28 6.80 -13.48 10.36
N GLU B 29 6.29 -14.56 9.80
CA GLU B 29 6.40 -15.87 10.45
C GLU B 29 7.86 -16.29 10.50
N LYS B 30 8.60 -16.00 9.42
CA LYS B 30 10.02 -16.34 9.40
C LYS B 30 10.83 -15.60 10.47
N ILE B 31 10.51 -14.33 10.72
CA ILE B 31 11.22 -13.56 11.72
C ILE B 31 10.91 -14.13 13.10
N ALA B 32 9.61 -14.38 13.35
CA ALA B 32 9.13 -14.80 14.68
C ALA B 32 9.73 -16.15 15.07
N ALA B 33 9.89 -17.06 14.07
CA ALA B 33 10.46 -18.40 14.24
C ALA B 33 11.88 -18.33 14.81
N LEU B 34 12.59 -17.21 14.59
CA LEU B 34 13.95 -17.05 15.08
C LEU B 34 13.92 -16.77 16.58
N MET B 35 12.77 -16.37 17.09
CA MET B 35 12.68 -15.90 18.47
C MET B 35 11.91 -16.91 19.35
N ASP B 36 11.75 -16.61 20.64
CA ASP B 36 11.16 -17.58 21.56
C ASP B 36 9.67 -17.38 21.75
N LYS B 37 8.96 -18.51 21.93
CA LYS B 37 7.53 -18.52 22.17
C LYS B 37 6.80 -17.62 21.18
N PRO B 38 7.02 -17.75 19.84
CA PRO B 38 6.26 -16.95 18.87
C PRO B 38 4.83 -17.47 18.78
N VAL B 39 3.84 -16.55 18.75
CA VAL B 39 2.42 -16.84 18.58
C VAL B 39 1.81 -15.81 17.61
N LYS B 40 0.92 -16.25 16.75
CA LYS B 40 0.19 -15.35 15.87
C LYS B 40 -0.88 -14.62 16.70
N LEU B 41 -0.91 -13.26 16.70
CA LEU B 41 -1.95 -12.45 17.38
C LEU B 41 -3.15 -12.15 16.46
N ALA B 42 -2.88 -11.74 15.22
CA ALA B 42 -3.97 -11.28 14.36
C ALA B 42 -3.51 -11.25 12.89
N SER B 43 -4.49 -11.29 11.99
CA SER B 43 -4.29 -11.09 10.55
C SER B 43 -5.54 -10.42 9.99
N HIS B 44 -5.46 -9.17 9.48
CA HIS B 44 -6.55 -8.51 8.79
C HIS B 44 -5.93 -7.75 7.60
N ARG B 45 -6.49 -7.97 6.38
CA ARG B 45 -5.89 -7.36 5.20
C ARG B 45 -4.41 -7.65 5.20
N GLU B 46 -3.55 -6.67 4.87
CA GLU B 46 -2.15 -6.95 4.64
C GLU B 46 -1.39 -6.95 5.95
N PHE B 47 -2.11 -6.74 7.07
CA PHE B 47 -1.45 -6.70 8.35
C PHE B 47 -1.57 -8.03 9.11
N THR B 48 -0.44 -8.73 9.24
CA THR B 48 -0.37 -9.96 10.03
C THR B 48 0.61 -9.68 11.16
N THR B 49 0.18 -9.90 12.42
CA THR B 49 1.00 -9.68 13.60
C THR B 49 1.25 -11.00 14.34
N TRP B 50 2.51 -11.24 14.69
CA TRP B 50 2.92 -12.23 15.66
C TRP B 50 3.58 -11.50 16.82
N ARG B 51 3.56 -12.16 18.00
CA ARG B 51 4.34 -11.77 19.17
C ARG B 51 5.43 -12.82 19.43
N ALA B 52 6.58 -12.37 19.95
CA ALA B 52 7.57 -13.36 20.35
C ALA B 52 8.46 -12.79 21.46
N GLU B 53 9.40 -13.60 21.94
CA GLU B 53 10.20 -13.15 23.06
C GLU B 53 11.68 -13.15 22.66
N LEU B 54 12.39 -12.11 23.08
CA LEU B 54 13.79 -12.00 22.72
C LEU B 54 14.54 -11.60 23.97
N ASP B 55 15.39 -12.52 24.45
CA ASP B 55 16.05 -12.34 25.73
C ASP B 55 14.98 -12.09 26.78
N GLY B 56 13.84 -12.77 26.70
CA GLY B 56 12.85 -12.63 27.75
C GLY B 56 11.97 -11.38 27.65
N LYS B 57 12.10 -10.56 26.59
CA LYS B 57 11.18 -9.42 26.43
C LYS B 57 10.27 -9.69 25.23
N PRO B 58 8.95 -9.38 25.32
CA PRO B 58 8.04 -9.44 24.18
C PRO B 58 8.42 -8.44 23.07
N VAL B 59 8.28 -8.90 21.82
CA VAL B 59 8.60 -8.14 20.63
C VAL B 59 7.48 -8.38 19.63
N ILE B 60 7.08 -7.37 18.84
CA ILE B 60 6.03 -7.62 17.88
C ILE B 60 6.67 -7.69 16.48
N VAL B 61 6.10 -8.53 15.65
CA VAL B 61 6.48 -8.56 14.22
C VAL B 61 5.19 -8.38 13.43
N CYS B 62 5.12 -7.40 12.53
CA CYS B 62 3.85 -7.07 11.94
C CYS B 62 4.12 -6.59 10.53
N SER B 63 3.38 -7.14 9.57
CA SER B 63 3.61 -6.84 8.16
C SER B 63 2.96 -5.49 7.80
N THR B 64 3.64 -4.75 6.90
CA THR B 64 3.24 -3.39 6.50
C THR B 64 2.38 -3.41 5.26
N GLY B 65 2.42 -4.51 4.47
CA GLY B 65 1.99 -4.30 3.10
C GLY B 65 3.05 -3.58 2.26
N ILE B 66 2.79 -3.53 0.95
CA ILE B 66 3.58 -2.75 0.02
C ILE B 66 3.13 -1.30 0.04
N GLY B 67 4.12 -0.42 0.30
CA GLY B 67 3.97 1.01 0.07
C GLY B 67 3.68 1.81 1.34
N GLY B 68 3.90 3.12 1.20
CA GLY B 68 3.92 4.03 2.35
C GLY B 68 2.53 4.03 2.98
N PRO B 69 1.44 4.08 2.20
CA PRO B 69 0.11 4.15 2.83
C PRO B 69 -0.20 3.02 3.82
N SER B 70 0.02 1.75 3.42
CA SER B 70 -0.32 0.74 4.44
C SER B 70 0.73 0.70 5.56
N THR B 71 2.00 0.96 5.23
CA THR B 71 3.04 1.17 6.22
C THR B 71 2.56 2.19 7.23
N SER B 72 1.98 3.29 6.76
CA SER B 72 1.67 4.40 7.68
C SER B 72 0.56 4.02 8.66
N ILE B 73 -0.37 3.15 8.22
CA ILE B 73 -1.43 2.67 9.12
C ILE B 73 -0.81 1.72 10.15
N ALA B 74 0.06 0.79 9.72
CA ALA B 74 0.67 -0.13 10.68
C ALA B 74 1.46 0.57 11.77
N VAL B 75 2.31 1.52 11.34
CA VAL B 75 3.18 2.22 12.26
C VAL B 75 2.32 3.03 13.22
N GLU B 76 1.33 3.76 12.68
CA GLU B 76 0.53 4.60 13.57
C GLU B 76 -0.18 3.72 14.62
N GLU B 77 -0.79 2.61 14.17
CA GLU B 77 -1.58 1.77 15.09
C GLU B 77 -0.72 1.01 16.06
N LEU B 78 0.49 0.57 15.66
CA LEU B 78 1.41 0.01 16.66
C LEU B 78 1.85 1.07 17.67
N ALA B 79 2.12 2.32 17.19
CA ALA B 79 2.49 3.39 18.11
C ALA B 79 1.37 3.59 19.15
N GLN B 80 0.11 3.51 18.66
CA GLN B 80 -1.05 3.71 19.52
C GLN B 80 -1.03 2.59 20.56
N LEU B 81 -0.38 1.45 20.22
CA LEU B 81 -0.39 0.28 21.12
C LEU B 81 0.83 0.26 22.00
N GLY B 82 1.68 1.28 21.87
CA GLY B 82 2.82 1.48 22.72
C GLY B 82 4.16 1.14 22.09
N ILE B 83 4.19 0.71 20.83
CA ILE B 83 5.46 0.56 20.14
C ILE B 83 6.19 1.90 19.97
N ARG B 84 7.49 1.93 20.30
CA ARG B 84 8.27 3.14 20.14
C ARG B 84 9.52 2.94 19.28
N THR B 85 9.76 1.72 18.85
CA THR B 85 10.96 1.43 18.08
C THR B 85 10.52 0.54 16.93
N PHE B 86 10.96 0.90 15.72
CA PHE B 86 10.54 0.12 14.59
C PHE B 86 11.74 -0.24 13.76
N LEU B 87 11.84 -1.50 13.40
CA LEU B 87 12.95 -1.92 12.53
C LEU B 87 12.38 -2.58 11.29
N ARG B 88 12.74 -2.05 10.10
CA ARG B 88 12.25 -2.68 8.89
C ARG B 88 13.37 -3.56 8.30
N ILE B 89 13.00 -4.71 7.75
CA ILE B 89 13.93 -5.54 6.98
C ILE B 89 13.27 -5.73 5.63
N GLY B 90 14.05 -5.59 4.57
CA GLY B 90 13.47 -5.78 3.26
C GLY B 90 14.47 -6.54 2.39
N THR B 91 14.04 -6.83 1.17
CA THR B 91 14.97 -7.26 0.13
C THR B 91 14.81 -6.36 -1.08
N THR B 92 15.90 -6.13 -1.84
CA THR B 92 15.95 -4.93 -2.67
C THR B 92 16.84 -5.17 -3.89
N GLY B 93 16.64 -4.32 -4.90
CA GLY B 93 17.54 -4.23 -6.04
C GLY B 93 18.51 -3.06 -5.95
N ALA B 94 19.80 -3.36 -5.99
CA ALA B 94 20.76 -2.30 -5.91
C ALA B 94 20.93 -1.65 -7.28
N ILE B 95 21.40 -0.40 -7.24
CA ILE B 95 21.60 0.32 -8.48
C ILE B 95 23.04 0.82 -8.60
N GLN B 96 23.95 0.27 -7.79
CA GLN B 96 25.34 0.64 -7.90
C GLN B 96 26.18 -0.57 -8.29
N PRO B 97 27.11 -0.41 -9.22
CA PRO B 97 27.83 -1.61 -9.69
C PRO B 97 28.82 -2.19 -8.67
N HIS B 98 29.17 -1.47 -7.60
CA HIS B 98 30.02 -2.14 -6.59
C HIS B 98 29.22 -3.00 -5.60
N ILE B 99 27.86 -2.97 -5.65
CA ILE B 99 27.08 -3.68 -4.66
C ILE B 99 26.66 -5.02 -5.27
N ASN B 100 26.94 -6.14 -4.57
CA ASN B 100 26.63 -7.45 -5.14
C ASN B 100 25.40 -8.07 -4.48
N VAL B 101 24.80 -9.00 -5.24
CA VAL B 101 23.74 -9.79 -4.65
C VAL B 101 24.28 -10.54 -3.43
N GLY B 102 23.48 -10.59 -2.36
CA GLY B 102 23.96 -11.10 -1.07
C GLY B 102 24.56 -10.05 -0.13
N ASP B 103 24.78 -8.83 -0.61
CA ASP B 103 25.31 -7.83 0.28
C ASP B 103 24.09 -7.35 1.06
N VAL B 104 24.35 -6.64 2.15
CA VAL B 104 23.34 -6.06 3.06
C VAL B 104 23.48 -4.52 2.96
N LEU B 105 22.28 -3.81 2.92
CA LEU B 105 22.34 -2.35 2.91
C LEU B 105 21.72 -1.91 4.24
N VAL B 106 22.35 -0.89 4.85
CA VAL B 106 21.68 -0.27 5.98
C VAL B 106 21.43 1.19 5.57
N THR B 107 20.19 1.68 5.77
CA THR B 107 19.82 2.94 5.12
C THR B 107 19.97 4.04 6.15
N THR B 108 20.83 5.00 5.91
CA THR B 108 20.93 6.16 6.79
C THR B 108 19.76 7.15 6.60
N ALA B 109 19.27 7.30 5.39
CA ALA B 109 18.15 8.20 5.12
C ALA B 109 17.71 7.97 3.68
N SER B 110 16.49 8.41 3.32
CA SER B 110 15.94 8.01 2.02
C SER B 110 15.56 9.22 1.17
N VAL B 111 15.69 9.05 -0.15
CA VAL B 111 15.15 10.02 -1.10
C VAL B 111 13.63 9.85 -1.09
N ARG B 112 12.92 10.94 -0.80
CA ARG B 112 11.46 10.88 -0.65
C ARG B 112 10.75 10.89 -1.99
N LEU B 113 10.58 9.68 -2.61
CA LEU B 113 9.82 9.63 -3.82
C LEU B 113 8.42 9.06 -3.56
N ASP B 114 7.85 9.35 -2.40
CA ASP B 114 6.58 8.77 -2.01
C ASP B 114 5.64 9.96 -1.68
N GLY B 115 4.39 9.66 -1.41
CA GLY B 115 3.44 10.71 -1.02
C GLY B 115 3.19 10.76 0.49
N ALA B 116 3.15 9.60 1.15
CA ALA B 116 2.72 9.58 2.57
C ALA B 116 3.71 10.36 3.46
N SER B 117 5.04 10.37 3.19
CA SER B 117 5.93 11.13 4.04
C SER B 117 5.51 12.60 4.17
N LEU B 118 4.99 13.20 3.10
CA LEU B 118 4.54 14.61 3.09
C LEU B 118 3.37 14.85 4.05
N HIS B 119 2.62 13.80 4.41
CA HIS B 119 1.50 13.94 5.34
C HIS B 119 2.00 14.04 6.78
N PHE B 120 3.33 13.92 6.95
CA PHE B 120 3.97 14.04 8.24
C PHE B 120 4.93 15.23 8.33
N ALA B 121 5.66 15.56 7.24
CA ALA B 121 6.65 16.61 7.30
C ALA B 121 6.83 17.10 5.86
N PRO B 122 7.04 18.40 5.64
CA PRO B 122 7.25 18.89 4.29
C PRO B 122 8.52 18.23 3.72
N LEU B 123 8.68 18.34 2.39
CA LEU B 123 9.68 17.57 1.69
C LEU B 123 11.13 17.91 2.15
N GLU B 124 11.39 19.19 2.56
CA GLU B 124 12.68 19.61 3.12
C GLU B 124 13.11 18.85 4.39
N PHE B 125 12.18 18.21 5.11
CA PHE B 125 12.59 17.44 6.30
C PHE B 125 13.22 16.08 5.87
N PRO B 126 14.36 15.67 6.48
CA PRO B 126 15.06 14.47 6.01
C PRO B 126 14.30 13.23 6.44
N ALA B 127 14.26 12.26 5.52
CA ALA B 127 13.75 10.93 5.85
C ALA B 127 14.92 10.14 6.47
N VAL B 128 15.21 10.43 7.74
CA VAL B 128 16.51 9.95 8.26
C VAL B 128 16.20 8.89 9.34
N ALA B 129 17.06 7.85 9.45
CA ALA B 129 16.96 6.75 10.43
C ALA B 129 17.47 7.21 11.79
N ASP B 130 16.94 6.59 12.84
CA ASP B 130 17.46 6.83 14.16
C ASP B 130 18.87 6.26 14.29
N PHE B 131 19.72 7.03 14.94
CA PHE B 131 21.13 6.69 15.02
C PHE B 131 21.36 5.39 15.78
N GLU B 132 20.62 5.17 16.89
CA GLU B 132 20.82 3.95 17.67
C GLU B 132 20.39 2.77 16.82
N CYS B 133 19.33 2.95 16.05
CA CYS B 133 18.82 1.79 15.34
C CYS B 133 19.80 1.50 14.20
N THR B 134 20.28 2.56 13.50
CA THR B 134 21.25 2.31 12.41
C THR B 134 22.54 1.69 12.98
N THR B 135 22.96 2.13 14.18
CA THR B 135 24.17 1.60 14.82
C THR B 135 23.96 0.11 15.08
N ALA B 136 22.79 -0.26 15.59
CA ALA B 136 22.54 -1.66 15.96
C ALA B 136 22.52 -2.53 14.71
N LEU B 137 21.99 -2.01 13.59
CA LEU B 137 21.88 -2.80 12.38
C LEU B 137 23.27 -3.00 11.75
N VAL B 138 24.11 -2.00 11.87
CA VAL B 138 25.46 -2.05 11.29
C VAL B 138 26.32 -3.07 12.10
N GLU B 139 26.16 -3.01 13.43
CA GLU B 139 26.80 -3.93 14.38
C GLU B 139 26.29 -5.35 14.18
N ALA B 140 25.01 -5.49 13.89
CA ALA B 140 24.46 -6.82 13.76
C ALA B 140 24.97 -7.42 12.47
N ALA B 141 25.10 -6.56 11.43
CA ALA B 141 25.60 -7.01 10.13
C ALA B 141 27.06 -7.48 10.23
N LYS B 142 27.85 -6.72 10.96
CA LYS B 142 29.24 -7.04 11.14
C LYS B 142 29.39 -8.38 11.89
N SER B 143 28.57 -8.57 12.95
CA SER B 143 28.52 -9.78 13.75
C SER B 143 28.19 -11.07 12.98
N ILE B 144 27.53 -11.00 11.83
CA ILE B 144 27.42 -12.21 11.03
C ILE B 144 28.37 -12.18 9.82
N GLY B 145 29.18 -11.13 9.68
CA GLY B 145 30.20 -11.14 8.63
C GLY B 145 29.62 -10.76 7.26
N ALA B 146 28.58 -9.90 7.30
CA ALA B 146 27.87 -9.58 6.07
C ALA B 146 28.71 -8.58 5.29
N THR B 147 28.64 -8.55 3.93
CA THR B 147 29.29 -7.44 3.27
C THR B 147 28.29 -6.28 3.26
N THR B 148 28.62 -5.16 3.93
CA THR B 148 27.57 -4.18 4.22
C THR B 148 27.89 -2.84 3.53
N HIS B 149 26.86 -2.10 3.10
CA HIS B 149 27.03 -0.72 2.64
C HIS B 149 26.06 0.09 3.46
N VAL B 150 26.46 1.30 3.85
CA VAL B 150 25.64 2.15 4.72
C VAL B 150 25.40 3.46 3.95
N GLY B 151 24.14 3.88 3.72
CA GLY B 151 23.99 4.94 2.75
C GLY B 151 22.53 5.28 2.48
N VAL B 152 22.36 6.05 1.40
CA VAL B 152 21.05 6.59 1.04
C VAL B 152 20.29 5.61 0.15
N THR B 153 19.00 5.53 0.38
CA THR B 153 18.12 4.66 -0.44
C THR B 153 17.03 5.51 -1.10
N ALA B 154 16.66 5.19 -2.34
CA ALA B 154 15.53 5.90 -2.94
C ALA B 154 14.24 5.10 -2.71
N SER B 155 13.24 5.80 -2.12
CA SER B 155 11.98 5.18 -1.70
C SER B 155 10.78 5.66 -2.52
N SER B 156 10.27 4.77 -3.38
CA SER B 156 9.40 5.14 -4.49
C SER B 156 7.97 4.64 -4.21
N ASP B 157 6.93 5.44 -4.61
CA ASP B 157 5.54 5.00 -4.43
C ASP B 157 5.16 4.00 -5.51
N THR B 158 6.07 3.72 -6.45
CA THR B 158 5.74 2.72 -7.48
C THR B 158 6.91 1.75 -7.62
N PHE B 159 6.60 0.51 -8.01
CA PHE B 159 7.63 -0.47 -8.31
C PHE B 159 8.19 -0.22 -9.73
N TYR B 160 7.34 0.30 -10.64
CA TYR B 160 7.69 0.34 -12.06
C TYR B 160 8.22 1.73 -12.52
N PRO B 161 7.38 2.74 -12.91
CA PRO B 161 7.98 3.98 -13.45
C PRO B 161 8.83 4.76 -12.43
N GLY B 162 8.53 4.68 -11.11
CA GLY B 162 9.31 5.41 -10.13
C GLY B 162 10.71 4.79 -9.92
N GLN B 163 10.91 3.53 -10.38
CA GLN B 163 12.19 2.83 -10.30
C GLN B 163 12.74 2.82 -11.70
N GLU B 164 12.10 3.59 -12.59
CA GLU B 164 12.58 3.71 -13.95
C GLU B 164 12.64 2.36 -14.65
N ARG B 165 11.56 1.59 -14.48
CA ARG B 165 11.46 0.35 -15.24
C ARG B 165 10.62 0.53 -16.50
N TYR B 166 11.10 -0.07 -17.63
CA TYR B 166 10.46 0.10 -18.92
C TYR B 166 9.77 -1.18 -19.41
N ASP B 167 9.97 -2.28 -18.69
CA ASP B 167 9.42 -3.58 -19.06
C ASP B 167 7.95 -3.70 -18.58
N THR B 168 7.11 -2.85 -19.13
CA THR B 168 5.76 -2.56 -18.60
C THR B 168 4.76 -2.55 -19.73
N TYR B 169 3.50 -2.40 -19.39
CA TYR B 169 2.42 -2.34 -20.37
C TYR B 169 2.57 -1.11 -21.24
N SER B 170 2.94 0.05 -20.63
CA SER B 170 3.16 1.27 -21.43
C SER B 170 4.51 1.28 -22.15
N GLY B 171 5.52 0.67 -21.52
CA GLY B 171 6.95 0.77 -21.84
C GLY B 171 7.46 2.23 -21.81
N ARG B 172 6.77 3.15 -21.10
CA ARG B 172 7.39 4.45 -21.01
C ARG B 172 7.33 4.97 -19.58
N VAL B 173 8.06 6.10 -19.37
CA VAL B 173 8.16 6.67 -18.03
C VAL B 173 7.95 8.16 -18.20
N VAL B 174 7.10 8.73 -17.34
CA VAL B 174 6.78 10.13 -17.40
C VAL B 174 8.09 10.94 -17.28
N ARG B 175 8.06 12.17 -17.88
CA ARG B 175 9.23 13.04 -17.98
C ARG B 175 9.99 13.20 -16.65
N HIS B 176 9.29 13.55 -15.56
CA HIS B 176 9.89 13.72 -14.22
C HIS B 176 10.78 12.55 -13.79
N PHE B 177 10.40 11.31 -14.14
CA PHE B 177 11.13 10.13 -13.72
C PHE B 177 12.02 9.56 -14.83
N LYS B 178 11.87 10.08 -16.06
CA LYS B 178 12.80 9.61 -17.12
C LYS B 178 14.21 10.14 -16.85
N GLY B 179 15.23 9.26 -16.92
CA GLY B 179 16.57 9.67 -16.51
C GLY B 179 16.81 9.71 -15.00
N SER B 180 15.77 9.53 -14.15
CA SER B 180 15.98 9.73 -12.70
C SER B 180 17.00 8.75 -12.13
N MET B 181 16.94 7.48 -12.58
CA MET B 181 17.81 6.46 -12.08
C MET B 181 19.28 6.83 -12.19
N GLU B 182 19.65 7.41 -13.33
CA GLU B 182 21.05 7.74 -13.50
C GLU B 182 21.44 8.89 -12.58
N GLU B 183 20.47 9.78 -12.31
CA GLU B 183 20.80 10.84 -11.42
C GLU B 183 21.07 10.24 -10.04
N TRP B 184 20.22 9.32 -9.62
CA TRP B 184 20.40 8.83 -8.23
C TRP B 184 21.69 8.04 -8.14
N GLN B 185 21.97 7.29 -9.23
CA GLN B 185 23.26 6.60 -9.31
C GLN B 185 24.45 7.53 -9.11
N ALA B 186 24.43 8.69 -9.82
CA ALA B 186 25.54 9.64 -9.74
C ALA B 186 25.62 10.14 -8.31
N MET B 187 24.46 10.21 -7.61
CA MET B 187 24.52 10.85 -6.31
C MET B 187 24.78 9.81 -5.22
N GLY B 188 25.12 8.59 -5.64
CA GLY B 188 25.56 7.54 -4.67
C GLY B 188 24.41 6.74 -4.06
N VAL B 189 23.15 6.94 -4.53
CA VAL B 189 22.01 6.21 -3.95
C VAL B 189 22.22 4.70 -4.17
N MET B 190 22.07 3.88 -3.09
CA MET B 190 22.39 2.47 -3.19
C MET B 190 21.36 1.65 -3.96
N ASN B 191 20.06 1.99 -3.76
CA ASN B 191 19.03 1.00 -4.08
C ASN B 191 17.64 1.69 -4.10
N TYR B 192 16.67 1.00 -4.71
CA TYR B 192 15.26 1.39 -4.58
C TYR B 192 14.48 0.43 -3.67
N GLU B 193 13.53 0.98 -2.89
CA GLU B 193 12.45 0.16 -2.33
C GLU B 193 11.26 1.07 -2.15
N MET B 194 10.23 0.64 -1.39
CA MET B 194 8.97 1.38 -1.54
C MET B 194 8.40 1.84 -0.20
N GLU B 195 9.08 1.61 0.94
CA GLU B 195 8.39 2.04 2.16
C GLU B 195 9.17 2.93 3.11
N SER B 196 10.51 2.99 3.02
CA SER B 196 11.41 3.68 3.94
C SER B 196 11.23 5.19 4.04
N ALA B 197 10.85 5.87 2.95
CA ALA B 197 10.72 7.32 3.10
C ALA B 197 9.53 7.59 3.99
N THR B 198 8.46 6.77 3.85
CA THR B 198 7.32 6.91 4.76
C THR B 198 7.69 6.56 6.21
N LEU B 199 8.25 5.38 6.40
CA LEU B 199 8.54 4.92 7.76
C LEU B 199 9.48 5.90 8.45
N LEU B 200 10.59 6.26 7.75
CA LEU B 200 11.63 7.03 8.45
C LEU B 200 11.07 8.40 8.76
N THR B 201 10.31 8.98 7.79
CA THR B 201 9.96 10.39 8.05
C THR B 201 8.92 10.43 9.18
N MET B 202 7.93 9.55 9.06
CA MET B 202 6.88 9.63 10.09
C MET B 202 7.45 9.26 11.46
N CYS B 203 8.48 8.40 11.57
CA CYS B 203 9.10 8.10 12.89
C CYS B 203 9.95 9.27 13.34
N ALA B 204 10.87 9.76 12.47
CA ALA B 204 11.78 10.85 12.82
C ALA B 204 11.02 12.10 13.28
N SER B 205 9.78 12.26 12.81
CA SER B 205 9.08 13.53 13.06
C SER B 205 8.10 13.46 14.24
N GLN B 206 8.05 12.31 14.91
CA GLN B 206 7.02 12.01 15.94
C GLN B 206 7.67 11.32 17.13
N GLY B 207 9.00 11.39 17.20
CA GLY B 207 9.75 10.89 18.36
C GLY B 207 9.73 9.36 18.51
N LEU B 208 9.59 8.62 17.40
CA LEU B 208 9.67 7.15 17.33
C LEU B 208 11.02 6.82 16.68
N ARG B 209 11.68 5.74 17.13
CA ARG B 209 12.99 5.34 16.61
C ARG B 209 12.76 4.40 15.44
N ALA B 210 13.48 4.57 14.31
CA ALA B 210 13.33 3.56 13.25
C ALA B 210 14.66 3.33 12.57
N GLY B 211 14.80 2.06 12.11
CA GLY B 211 15.97 1.74 11.29
C GLY B 211 15.57 0.83 10.15
N MET B 212 16.48 0.67 9.16
CA MET B 212 16.10 -0.14 8.03
C MET B 212 17.31 -0.88 7.44
N VAL B 213 17.15 -2.20 7.19
CA VAL B 213 18.21 -3.02 6.60
C VAL B 213 17.56 -3.80 5.49
N ALA B 214 18.35 -4.13 4.48
CA ALA B 214 17.81 -4.90 3.36
C ALA B 214 18.92 -5.82 2.82
N GLY B 215 18.54 -7.01 2.34
CA GLY B 215 19.43 -7.87 1.59
C GLY B 215 19.26 -7.66 0.08
N VAL B 216 20.38 -7.67 -0.64
CA VAL B 216 20.38 -7.39 -2.08
C VAL B 216 20.08 -8.67 -2.84
N ILE B 217 18.99 -8.66 -3.62
CA ILE B 217 18.57 -9.86 -4.34
C ILE B 217 18.79 -9.61 -5.83
N VAL B 218 19.01 -8.33 -6.21
CA VAL B 218 19.25 -8.03 -7.63
C VAL B 218 20.25 -6.90 -7.75
N ASN B 219 21.01 -6.83 -8.87
CA ASN B 219 21.78 -5.63 -9.10
C ASN B 219 21.31 -5.10 -10.43
N ARG B 220 20.62 -3.93 -10.43
CA ARG B 220 19.99 -3.50 -11.66
C ARG B 220 21.07 -3.18 -12.69
N THR B 221 22.34 -2.95 -12.28
CA THR B 221 23.34 -2.46 -13.22
C THR B 221 24.02 -3.61 -13.97
N GLN B 222 23.70 -4.85 -13.58
CA GLN B 222 24.36 -6.01 -14.16
C GLN B 222 23.29 -7.03 -14.46
N GLN B 223 23.11 -7.29 -15.77
CA GLN B 223 22.32 -8.43 -16.20
C GLN B 223 22.86 -9.71 -15.55
N GLU B 224 21.95 -10.51 -14.98
CA GLU B 224 22.35 -11.81 -14.43
C GLU B 224 21.06 -12.58 -14.14
N ILE B 225 21.08 -13.88 -14.43
CA ILE B 225 19.86 -14.68 -14.18
C ILE B 225 19.66 -14.87 -12.68
N PRO B 226 18.47 -14.52 -12.10
CA PRO B 226 18.27 -14.64 -10.66
C PRO B 226 18.47 -16.09 -10.21
N ASN B 227 19.16 -16.24 -9.07
CA ASN B 227 19.39 -17.52 -8.41
C ASN B 227 18.48 -17.62 -7.17
N ALA B 228 17.47 -18.53 -7.22
CA ALA B 228 16.35 -18.61 -6.29
C ALA B 228 16.89 -19.01 -4.89
N GLU B 229 18.00 -19.75 -4.86
CA GLU B 229 18.59 -20.18 -3.61
C GLU B 229 19.44 -19.06 -2.99
N THR B 230 20.21 -18.34 -3.81
CA THR B 230 20.93 -17.16 -3.35
C THR B 230 19.94 -16.19 -2.69
N MET B 231 18.78 -15.98 -3.33
CA MET B 231 17.87 -15.03 -2.74
C MET B 231 17.38 -15.51 -1.37
N LYS B 232 16.92 -16.78 -1.27
CA LYS B 232 16.54 -17.34 0.03
C LYS B 232 17.62 -17.17 1.10
N GLN B 233 18.88 -17.41 0.72
CA GLN B 233 19.95 -17.30 1.70
C GLN B 233 20.11 -15.83 2.10
N THR B 234 19.90 -14.92 1.14
CA THR B 234 20.12 -13.51 1.48
C THR B 234 19.00 -13.05 2.39
N GLU B 235 17.79 -13.55 2.13
CA GLU B 235 16.68 -13.24 3.02
C GLU B 235 16.95 -13.73 4.44
N SER B 236 17.38 -14.99 4.56
CA SER B 236 17.85 -15.52 5.86
C SER B 236 18.86 -14.64 6.57
N HIS B 237 19.86 -14.16 5.85
CA HIS B 237 20.92 -13.36 6.43
C HIS B 237 20.36 -12.03 6.98
N ALA B 238 19.54 -11.33 6.17
CA ALA B 238 18.88 -10.09 6.56
C ALA B 238 17.97 -10.27 7.77
N VAL B 239 17.15 -11.33 7.77
CA VAL B 239 16.32 -11.63 8.93
C VAL B 239 17.18 -11.85 10.20
N LYS B 240 18.31 -12.58 10.07
CA LYS B 240 19.07 -12.81 11.28
C LYS B 240 19.59 -11.47 11.79
N ILE B 241 20.00 -10.59 10.87
CA ILE B 241 20.60 -9.30 11.22
C ILE B 241 19.59 -8.43 11.97
N VAL B 242 18.34 -8.43 11.49
CA VAL B 242 17.34 -7.58 12.08
C VAL B 242 16.99 -8.07 13.50
N VAL B 243 16.92 -9.40 13.71
CA VAL B 243 16.70 -9.96 15.04
C VAL B 243 17.87 -9.65 15.98
N GLU B 244 19.09 -9.77 15.49
CA GLU B 244 20.26 -9.43 16.28
C GLU B 244 20.22 -7.94 16.63
N ALA B 245 19.86 -7.07 15.65
CA ALA B 245 19.85 -5.65 16.00
C ALA B 245 18.78 -5.40 17.06
N ALA B 246 17.65 -6.06 16.95
CA ALA B 246 16.58 -5.83 17.93
C ALA B 246 17.10 -6.24 19.32
N ARG B 247 17.90 -7.31 19.33
CA ARG B 247 18.46 -7.78 20.60
C ARG B 247 19.17 -6.60 21.28
N ARG B 248 19.84 -5.74 20.50
CA ARG B 248 20.69 -4.68 21.02
C ARG B 248 19.88 -3.43 21.37
N LEU B 249 18.57 -3.39 21.04
CA LEU B 249 17.76 -2.20 21.25
C LEU B 249 16.67 -2.41 22.31
N LEU B 250 16.68 -3.59 22.93
CA LEU B 250 15.63 -3.99 23.84
C LEU B 250 15.88 -3.34 25.18
K K C . -0.58 -2.01 0.55
S SO4 D . -0.42 28.38 5.02
S SO4 D . -0.85 29.00 5.85
O1 SO4 D . 0.08 29.32 6.00
O1 SO4 D . -1.84 29.01 4.82
O2 SO4 D . -1.82 28.61 4.85
O2 SO4 D . -0.05 30.19 5.75
O3 SO4 D . 0.28 28.51 3.78
O3 SO4 D . -1.50 28.99 7.15
O4 SO4 D . -0.21 27.04 5.52
O4 SO4 D . 0.00 27.84 5.69
S SO4 E . -11.88 0.00 0.93
O1 SO4 E . -11.09 0.63 1.93
O2 SO4 E . -13.25 0.28 1.13
O3 SO4 E . -11.52 0.54 -0.35
O4 SO4 E . -11.59 -1.42 1.01
S SO4 F . 13.71 18.36 -17.58
S SO4 F . 13.81 18.29 -17.74
O1 SO4 F . 13.44 19.76 -17.77
O1 SO4 F . 13.82 19.24 -18.81
O2 SO4 F . 14.51 18.18 -16.40
O2 SO4 F . 13.21 17.07 -18.22
O3 SO4 F . 14.43 17.85 -18.73
O3 SO4 F . 13.10 18.80 -16.60
O4 SO4 F . 12.47 17.65 -17.43
O4 SO4 F . 15.18 18.01 -17.38
S SO4 G . 9.86 -6.90 0.51
O1 SO4 G . 9.18 -5.91 -0.26
O2 SO4 G . 9.04 -7.27 1.58
O3 SO4 G . 11.10 -6.33 0.97
O4 SO4 G . 10.11 -8.03 -0.33
C1 GOL H . 11.54 -7.26 -10.77
O1 GOL H . 12.89 -7.73 -10.63
C2 GOL H . 11.15 -6.91 -12.19
O2 GOL H . 12.16 -7.25 -13.15
C3 GOL H . 9.77 -7.36 -12.64
O3 GOL H . 9.52 -6.97 -13.98
#